data_3HDU
#
_entry.id   3HDU
#
_cell.length_a   117.165
_cell.length_b   117.165
_cell.length_c   71.602
_cell.angle_alpha   90.000
_cell.angle_beta   90.000
_cell.angle_gamma   90.000
#
_symmetry.space_group_name_H-M   'P 43 21 2'
#
_entity_poly.entity_id   1
_entity_poly.type   'polypeptide(L)'
_entity_poly.pdbx_seq_one_letter_code
;G(MSE)PNFSKNEEVLFSAVNEIFEEKIPFNKIIGLKVRFISPEQVKLSFE(MSE)RDELIGNAIRR(MSE)LYGGVISS
AID(MSE)TAGLAAF(MSE)GFQEK(MSE)SGKP(MSE)EEKLA(MSE)IGRLST(MSE)SLHVEYLRPGLGREFVCTGY
NVRTGNKVAVIRTEL(MSE)NDQDELIAVGSVSYILV
;
_entity_poly.pdbx_strand_id   A,B,C
#
# COMPACT_ATOMS: atom_id res chain seq x y z
N SER A 6 0.03 12.54 -38.00
CA SER A 6 -0.61 11.22 -38.28
C SER A 6 -2.11 11.26 -37.93
N LYS A 7 -2.90 10.52 -38.70
CA LYS A 7 -4.36 10.41 -38.50
C LYS A 7 -4.71 9.73 -37.17
N ASN A 8 -3.98 8.65 -36.85
CA ASN A 8 -4.18 7.89 -35.60
C ASN A 8 -3.72 8.66 -34.36
N GLU A 9 -2.66 9.48 -34.48
CA GLU A 9 -2.14 10.27 -33.35
C GLU A 9 -3.10 11.39 -32.91
N GLU A 10 -3.80 12.01 -33.86
CA GLU A 10 -4.78 13.07 -33.56
C GLU A 10 -6.06 12.52 -32.92
N VAL A 11 -6.56 11.38 -33.42
CA VAL A 11 -7.74 10.70 -32.83
C VAL A 11 -7.42 10.16 -31.41
N LEU A 12 -6.16 9.78 -31.17
CA LEU A 12 -5.67 9.31 -29.86
C LEU A 12 -5.59 10.49 -28.88
N PHE A 13 -4.96 11.58 -29.31
CA PHE A 13 -4.83 12.82 -28.52
C PHE A 13 -6.20 13.42 -28.17
N SER A 14 -7.10 13.48 -29.15
CA SER A 14 -8.47 14.01 -28.96
C SER A 14 -9.31 13.18 -28.00
N ALA A 15 -9.21 11.85 -28.13
CA ALA A 15 -9.92 10.89 -27.26
C ALA A 15 -9.47 11.02 -25.82
N VAL A 16 -8.14 11.10 -25.64
CA VAL A 16 -7.52 11.26 -24.32
C VAL A 16 -7.92 12.61 -23.69
N ASN A 17 -7.80 13.70 -24.45
CA ASN A 17 -8.19 15.04 -23.95
C ASN A 17 -9.62 15.09 -23.39
N GLU A 18 -10.57 14.46 -24.09
CA GLU A 18 -11.97 14.37 -23.62
C GLU A 18 -12.09 13.67 -22.24
N ILE A 19 -11.47 12.49 -22.13
CA ILE A 19 -11.51 11.67 -20.92
C ILE A 19 -10.91 12.35 -19.69
N PHE A 20 -9.73 12.96 -19.86
CA PHE A 20 -9.00 13.62 -18.75
C PHE A 20 -9.38 15.08 -18.44
N GLU A 21 -9.63 15.90 -19.46
CA GLU A 21 -9.93 17.34 -19.25
C GLU A 21 -11.40 17.68 -18.97
N GLU A 22 -12.33 17.05 -19.70
CA GLU A 22 -13.79 17.32 -19.56
C GLU A 22 -14.57 16.29 -18.72
N LYS A 23 -14.35 15.00 -18.98
CA LYS A 23 -15.14 13.92 -18.36
C LYS A 23 -14.89 13.62 -16.86
N ILE A 24 -13.75 14.02 -16.29
CA ILE A 24 -13.47 13.81 -14.85
C ILE A 24 -14.36 14.76 -14.03
N PRO A 25 -15.13 14.25 -13.04
CA PRO A 25 -16.01 15.15 -12.25
C PRO A 25 -15.28 15.99 -11.20
N PHE A 26 -14.05 15.60 -10.82
CA PHE A 26 -13.20 16.39 -9.89
C PHE A 26 -12.66 17.70 -10.50
N ASN A 27 -12.86 17.91 -11.82
CA ASN A 27 -12.41 19.13 -12.52
CA ASN A 27 -12.45 19.12 -12.55
C ASN A 27 -12.91 20.44 -11.92
N LYS A 28 -14.06 20.43 -11.25
CA LYS A 28 -14.58 21.64 -10.59
C LYS A 28 -13.84 22.01 -9.28
N ILE A 29 -13.00 21.10 -8.74
CA ILE A 29 -12.17 21.36 -7.54
C ILE A 29 -10.65 21.41 -7.87
N ILE A 30 -10.18 20.51 -8.75
CA ILE A 30 -8.78 20.48 -9.24
C ILE A 30 -8.79 20.37 -10.77
N GLY A 31 -8.44 21.45 -11.47
CA GLY A 31 -8.36 21.45 -12.93
C GLY A 31 -7.23 20.59 -13.45
N LEU A 32 -7.43 19.98 -14.63
CA LEU A 32 -6.44 19.11 -15.25
C LEU A 32 -6.38 19.37 -16.77
N LYS A 33 -5.17 19.61 -17.29
CA LYS A 33 -4.92 19.82 -18.72
C LYS A 33 -3.77 18.92 -19.19
N VAL A 34 -3.91 18.35 -20.39
CA VAL A 34 -2.92 17.45 -21.00
C VAL A 34 -1.93 18.28 -21.85
N ARG A 35 -0.75 18.52 -21.30
CA ARG A 35 0.29 19.33 -21.97
C ARG A 35 1.00 18.57 -23.10
N PHE A 36 1.26 17.27 -22.92
CA PHE A 36 2.02 16.45 -23.88
C PHE A 36 1.79 14.95 -23.69
N ILE A 37 1.78 14.20 -24.79
CA ILE A 37 1.66 12.72 -24.76
C ILE A 37 2.56 12.06 -25.81
N SER A 38 3.06 10.88 -25.48
CA SER A 38 3.89 10.05 -26.36
C SER A 38 3.97 8.64 -25.73
N PRO A 39 4.39 7.62 -26.51
CA PRO A 39 4.53 6.27 -25.94
C PRO A 39 5.50 6.08 -24.76
N GLU A 40 6.50 6.97 -24.62
N GLU A 40 6.51 6.97 -24.64
CA GLU A 40 7.52 6.90 -23.56
CA GLU A 40 7.54 6.93 -23.57
C GLU A 40 7.45 8.05 -22.51
C GLU A 40 7.47 8.05 -22.52
N GLN A 41 6.59 9.05 -22.73
CA GLN A 41 6.45 10.20 -21.80
C GLN A 41 5.13 10.97 -21.95
N VAL A 42 4.54 11.38 -20.82
CA VAL A 42 3.34 12.21 -20.77
C VAL A 42 3.58 13.38 -19.81
N LYS A 43 2.77 14.43 -19.91
CA LYS A 43 2.89 15.63 -19.06
C LYS A 43 1.52 16.25 -18.81
N LEU A 44 1.11 16.30 -17.54
CA LEU A 44 -0.16 16.91 -17.11
C LEU A 44 0.11 18.12 -16.24
N SER A 45 -0.69 19.16 -16.41
CA SER A 45 -0.64 20.37 -15.56
C SER A 45 -1.95 20.41 -14.78
N PHE A 46 -1.85 20.79 -13.51
CA PHE A 46 -2.97 20.84 -12.59
C PHE A 46 -3.15 22.24 -12.03
N GLU A 47 -4.38 22.56 -11.61
CA GLU A 47 -4.70 23.87 -11.03
C GLU A 47 -5.64 23.71 -9.83
N MSE A 48 -5.20 24.18 -8.66
CA MSE A 48 -6.02 24.21 -7.45
C MSE A 48 -6.98 25.38 -7.59
O MSE A 48 -6.56 26.52 -7.58
CB MSE A 48 -5.14 24.48 -6.20
CG MSE A 48 -4.19 23.38 -5.85
SE MSE A 48 -5.11 21.95 -4.97
CE MSE A 48 -5.55 22.78 -3.29
N ARG A 49 -8.28 25.09 -7.71
CA ARG A 49 -9.29 26.16 -7.83
C ARG A 49 -9.56 26.80 -6.48
N ASP A 50 -9.55 25.97 -5.42
CA ASP A 50 -9.63 26.41 -4.04
C ASP A 50 -8.26 26.02 -3.47
N GLU A 51 -7.41 27.03 -3.24
CA GLU A 51 -6.06 26.83 -2.66
C GLU A 51 -6.04 26.39 -1.18
N LEU A 52 -7.18 26.50 -0.49
CA LEU A 52 -7.37 26.07 0.91
C LEU A 52 -6.56 26.91 1.91
N ILE A 53 -6.52 28.23 1.69
CA ILE A 53 -5.78 29.16 2.57
C ILE A 53 -6.52 29.27 3.91
N GLY A 54 -5.78 29.17 5.00
CA GLY A 54 -6.35 29.24 6.35
C GLY A 54 -6.98 27.96 6.87
N ASN A 55 -6.92 26.87 6.09
CA ASN A 55 -7.46 25.57 6.53
C ASN A 55 -6.45 24.96 7.50
N ALA A 56 -6.95 24.49 8.64
CA ALA A 56 -6.14 23.90 9.71
C ALA A 56 -5.22 22.74 9.30
N ILE A 57 -5.63 21.97 8.29
CA ILE A 57 -4.84 20.83 7.75
C ILE A 57 -4.56 21.00 6.25
N ARG A 58 -4.12 22.21 5.87
CA ARG A 58 -3.82 22.58 4.48
C ARG A 58 -2.73 21.69 3.88
N ARG A 59 -1.58 21.63 4.55
CA ARG A 59 -0.42 20.84 4.09
C ARG A 59 -0.77 19.36 3.88
N MSE A 60 -1.59 18.83 4.80
CA MSE A 60 -2.08 17.45 4.78
C MSE A 60 -2.93 17.17 3.53
O MSE A 60 -2.64 16.22 2.81
CB MSE A 60 -2.88 17.17 6.05
CG MSE A 60 -3.19 15.72 6.33
SE MSE A 60 -4.19 15.53 8.00
CE MSE A 60 -2.81 16.16 9.26
N LEU A 61 -3.92 18.04 3.28
CA LEU A 61 -4.80 17.93 2.09
C LEU A 61 -4.04 17.94 0.76
N TYR A 62 -2.99 18.77 0.68
CA TYR A 62 -2.09 18.81 -0.50
C TYR A 62 -1.35 17.47 -0.73
N GLY A 63 -1.09 16.71 0.33
CA GLY A 63 -0.48 15.38 0.22
C GLY A 63 -1.32 14.45 -0.62
N GLY A 64 -2.63 14.43 -0.32
CA GLY A 64 -3.62 13.64 -1.06
C GLY A 64 -3.78 14.10 -2.51
N VAL A 65 -3.79 15.42 -2.72
CA VAL A 65 -3.88 16.03 -4.05
C VAL A 65 -2.67 15.64 -4.90
N ILE A 66 -1.46 15.76 -4.34
CA ILE A 66 -0.20 15.39 -5.01
C ILE A 66 -0.16 13.90 -5.39
N SER A 67 -0.61 13.04 -4.47
CA SER A 67 -0.66 11.59 -4.71
C SER A 67 -1.65 11.24 -5.84
N SER A 68 -2.79 11.94 -5.89
CA SER A 68 -3.78 11.74 -6.97
C SER A 68 -3.24 12.18 -8.33
N ALA A 69 -2.62 13.37 -8.38
CA ALA A 69 -2.02 13.92 -9.60
C ALA A 69 -0.95 12.98 -10.20
N ILE A 70 -0.09 12.45 -9.33
CA ILE A 70 0.96 11.49 -9.71
C ILE A 70 0.32 10.19 -10.26
N ASP A 71 -0.71 9.70 -9.57
CA ASP A 71 -1.45 8.49 -9.97
C ASP A 71 -2.15 8.66 -11.32
N MSE A 72 -2.73 9.85 -11.55
CA MSE A 72 -3.40 10.17 -12.82
C MSE A 72 -2.40 10.30 -13.96
O MSE A 72 -2.67 9.79 -15.06
CB MSE A 72 -4.21 11.46 -12.69
CG MSE A 72 -5.45 11.35 -11.81
SE MSE A 72 -6.80 10.16 -12.53
CE MSE A 72 -7.18 11.06 -14.19
N THR A 73 -1.29 10.98 -13.72
CA THR A 73 -0.21 11.15 -14.70
C THR A 73 0.36 9.77 -15.09
N ALA A 74 0.60 8.94 -14.07
CA ALA A 74 1.09 7.57 -14.26
C ALA A 74 0.09 6.71 -15.07
N GLY A 75 -1.20 6.87 -14.78
CA GLY A 75 -2.27 6.16 -15.49
C GLY A 75 -2.33 6.47 -16.97
N LEU A 76 -2.13 7.74 -17.32
CA LEU A 76 -2.07 8.18 -18.72
C LEU A 76 -0.81 7.66 -19.41
N ALA A 77 0.34 7.70 -18.70
CA ALA A 77 1.60 7.17 -19.23
C ALA A 77 1.52 5.65 -19.46
N ALA A 78 0.85 4.94 -18.54
CA ALA A 78 0.58 3.50 -18.65
C ALA A 78 -0.23 3.20 -19.93
N PHE A 79 -1.31 3.96 -20.14
CA PHE A 79 -2.15 3.86 -21.35
C PHE A 79 -1.36 4.00 -22.65
N MSE A 80 -0.49 5.02 -22.71
CA MSE A 80 0.35 5.30 -23.90
C MSE A 80 1.36 4.19 -24.20
O MSE A 80 1.70 3.97 -25.36
CB MSE A 80 1.06 6.64 -23.79
CG MSE A 80 0.12 7.84 -23.75
SE MSE A 80 -0.90 8.05 -25.37
CE MSE A 80 -2.24 9.21 -24.65
N GLY A 81 1.82 3.51 -23.15
CA GLY A 81 2.71 2.37 -23.29
C GLY A 81 1.98 1.15 -23.83
N PHE A 82 0.84 0.81 -23.22
CA PHE A 82 0.04 -0.35 -23.65
C PHE A 82 -0.56 -0.23 -25.05
N GLN A 83 -1.07 0.96 -25.41
CA GLN A 83 -1.66 1.17 -26.76
C GLN A 83 -0.63 1.04 -27.90
N GLU A 84 0.63 1.38 -27.62
CA GLU A 84 1.75 1.21 -28.57
C GLU A 84 1.90 -0.28 -28.96
N LYS A 85 1.76 -1.17 -27.96
CA LYS A 85 1.81 -2.63 -28.18
C LYS A 85 0.62 -3.20 -28.96
N MSE A 86 -0.51 -2.48 -28.97
CA MSE A 86 -1.72 -2.83 -29.74
C MSE A 86 -1.56 -2.16 -31.12
O MSE A 86 -2.29 -1.23 -31.47
CB MSE A 86 -2.98 -2.32 -29.02
CG MSE A 86 -3.18 -2.86 -27.62
SE MSE A 86 -4.66 -1.94 -26.73
CE MSE A 86 -6.11 -2.52 -27.87
N SER A 87 -0.60 -2.67 -31.90
CA SER A 87 -0.23 -2.08 -33.20
C SER A 87 -1.33 -2.12 -34.27
N GLY A 88 -1.75 -3.32 -34.67
CA GLY A 88 -2.77 -3.51 -35.71
C GLY A 88 -4.24 -3.39 -35.30
N LYS A 89 -4.52 -3.14 -34.01
CA LYS A 89 -5.90 -3.03 -33.50
C LYS A 89 -6.52 -1.66 -33.80
N PRO A 90 -7.88 -1.57 -33.86
CA PRO A 90 -8.49 -0.27 -34.15
C PRO A 90 -8.50 0.66 -32.93
N MSE A 91 -8.84 1.93 -33.16
CA MSE A 91 -8.90 2.96 -32.10
C MSE A 91 -9.97 2.68 -31.02
O MSE A 91 -9.80 3.12 -29.88
CB MSE A 91 -9.10 4.36 -32.70
CG MSE A 91 -8.88 5.51 -31.73
N GLU A 92 -11.03 1.96 -31.38
CA GLU A 92 -12.11 1.58 -30.44
C GLU A 92 -11.61 0.63 -29.33
N GLU A 93 -10.83 -0.38 -29.71
CA GLU A 93 -10.23 -1.33 -28.75
C GLU A 93 -9.15 -0.70 -27.87
N LYS A 94 -8.40 0.26 -28.42
CA LYS A 94 -7.38 1.00 -27.66
C LYS A 94 -8.03 1.86 -26.57
N LEU A 95 -9.07 2.60 -26.95
CA LEU A 95 -9.85 3.42 -26.00
C LEU A 95 -10.57 2.56 -24.93
N ALA A 96 -11.08 1.40 -25.34
CA ALA A 96 -11.75 0.47 -24.40
C ALA A 96 -10.80 -0.10 -23.33
N MSE A 97 -9.53 -0.30 -23.70
CA MSE A 97 -8.48 -0.80 -22.81
C MSE A 97 -8.20 0.12 -21.61
O MSE A 97 -7.84 -0.39 -20.54
CB MSE A 97 -7.18 -1.08 -23.61
CG MSE A 97 -5.92 -1.41 -22.80
SE MSE A 97 -4.92 0.16 -22.18
CE MSE A 97 -4.31 0.82 -23.93
N ILE A 98 -8.36 1.44 -21.77
CA ILE A 98 -8.09 2.42 -20.69
C ILE A 98 -8.93 2.20 -19.41
N GLY A 99 -10.12 1.65 -19.57
CA GLY A 99 -10.99 1.29 -18.44
C GLY A 99 -10.53 0.11 -17.60
N ARG A 100 -9.62 -0.71 -18.14
CA ARG A 100 -9.05 -1.85 -17.42
C ARG A 100 -7.77 -1.50 -16.64
N LEU A 101 -7.20 -0.30 -16.85
CA LEU A 101 -5.99 0.15 -16.12
C LEU A 101 -6.32 0.40 -14.65
N SER A 102 -5.56 -0.25 -13.76
CA SER A 102 -5.73 -0.13 -12.31
C SER A 102 -4.36 -0.02 -11.65
N THR A 103 -4.25 0.84 -10.62
CA THR A 103 -3.00 1.03 -9.89
C THR A 103 -2.73 -0.20 -9.02
N MSE A 104 -1.53 -0.75 -9.12
CA MSE A 104 -1.08 -1.88 -8.29
C MSE A 104 -0.27 -1.38 -7.09
O MSE A 104 -0.48 -1.86 -5.96
CB MSE A 104 -0.23 -2.87 -9.10
CG MSE A 104 0.29 -4.04 -8.27
SE MSE A 104 1.05 -5.43 -9.33
CE MSE A 104 1.40 -6.73 -7.89
N SER A 105 0.66 -0.45 -7.34
CA SER A 105 1.54 0.11 -6.31
C SER A 105 1.81 1.59 -6.58
N LEU A 106 1.64 2.43 -5.55
CA LEU A 106 1.88 3.88 -5.62
C LEU A 106 2.86 4.28 -4.51
N HIS A 107 4.08 4.66 -4.91
CA HIS A 107 5.13 5.10 -3.99
C HIS A 107 5.41 6.56 -4.32
N VAL A 108 5.21 7.46 -3.36
CA VAL A 108 5.43 8.90 -3.53
C VAL A 108 6.31 9.45 -2.41
N GLU A 109 7.42 10.11 -2.80
CA GLU A 109 8.37 10.74 -1.89
CA GLU A 109 8.37 10.76 -1.88
C GLU A 109 8.23 12.26 -2.06
N TYR A 110 7.97 12.98 -0.97
CA TYR A 110 7.76 14.43 -0.97
C TYR A 110 8.99 15.19 -0.47
N LEU A 111 9.50 16.11 -1.28
CA LEU A 111 10.67 16.95 -0.93
C LEU A 111 10.29 18.18 -0.11
N ARG A 112 9.10 18.71 -0.37
CA ARG A 112 8.56 19.86 0.37
C ARG A 112 7.03 19.86 0.18
N PRO A 113 6.29 20.63 1.02
CA PRO A 113 4.82 20.68 0.85
C PRO A 113 4.49 21.60 -0.34
N GLY A 114 3.61 21.12 -1.23
CA GLY A 114 3.25 21.80 -2.48
C GLY A 114 2.94 23.28 -2.38
N LEU A 115 1.93 23.59 -1.57
CA LEU A 115 1.44 24.95 -1.27
C LEU A 115 1.43 25.99 -2.42
N GLY A 116 1.14 25.52 -3.63
CA GLY A 116 1.07 26.35 -4.85
C GLY A 116 -0.24 26.10 -5.57
N ARG A 117 -0.67 27.05 -6.39
CA ARG A 117 -1.93 26.91 -7.12
C ARG A 117 -1.81 25.95 -8.30
N GLU A 118 -0.87 26.24 -9.20
CA GLU A 118 -0.63 25.44 -10.40
C GLU A 118 0.63 24.60 -10.24
N PHE A 119 0.53 23.30 -10.53
CA PHE A 119 1.66 22.36 -10.51
C PHE A 119 1.59 21.44 -11.74
N VAL A 120 2.77 21.03 -12.22
CA VAL A 120 2.93 20.19 -13.42
C VAL A 120 3.60 18.88 -13.03
N CYS A 121 3.15 17.79 -13.65
CA CYS A 121 3.65 16.44 -13.40
C CYS A 121 3.98 15.76 -14.73
N THR A 122 5.21 15.26 -14.85
CA THR A 122 5.70 14.55 -16.05
C THR A 122 5.86 13.07 -15.68
N GLY A 123 5.27 12.16 -16.47
CA GLY A 123 5.35 10.71 -16.26
C GLY A 123 6.22 10.06 -17.32
N TYR A 124 7.24 9.29 -16.91
CA TYR A 124 8.16 8.58 -17.82
C TYR A 124 7.88 7.09 -17.73
N ASN A 125 7.51 6.47 -18.86
CA ASN A 125 7.23 5.02 -18.90
C ASN A 125 8.58 4.30 -18.95
N VAL A 126 9.00 3.74 -17.80
CA VAL A 126 10.29 3.05 -17.65
C VAL A 126 10.32 1.77 -18.48
N ARG A 127 9.37 0.87 -18.20
CA ARG A 127 9.21 -0.38 -18.97
C ARG A 127 7.72 -0.75 -19.00
N THR A 128 7.28 -1.30 -20.15
CA THR A 128 5.92 -1.80 -20.32
C THR A 128 6.09 -3.29 -20.67
N GLY A 129 5.74 -4.15 -19.71
CA GLY A 129 5.78 -5.60 -19.92
C GLY A 129 4.50 -6.05 -20.59
N ASN A 130 4.14 -7.30 -20.39
CA ASN A 130 2.91 -7.86 -20.97
C ASN A 130 1.68 -7.29 -20.25
N LYS A 131 1.67 -7.44 -18.93
CA LYS A 131 0.57 -7.00 -18.06
C LYS A 131 0.88 -5.85 -17.10
N VAL A 132 2.15 -5.46 -16.94
CA VAL A 132 2.56 -4.41 -15.97
C VAL A 132 3.28 -3.25 -16.66
N ALA A 133 2.92 -2.02 -16.29
CA ALA A 133 3.55 -0.79 -16.78
C ALA A 133 4.10 -0.05 -15.56
N VAL A 134 5.43 0.12 -15.50
CA VAL A 134 6.11 0.83 -14.40
C VAL A 134 6.40 2.24 -14.88
N ILE A 135 5.91 3.24 -14.15
CA ILE A 135 6.08 4.66 -14.48
C ILE A 135 6.83 5.39 -13.37
N ARG A 136 7.77 6.25 -13.77
CA ARG A 136 8.51 7.13 -12.86
C ARG A 136 7.95 8.54 -13.13
N THR A 137 7.58 9.27 -12.08
CA THR A 137 7.04 10.63 -12.21
C THR A 137 7.81 11.69 -11.44
N GLU A 138 7.74 12.92 -11.93
CA GLU A 138 8.32 14.09 -11.27
C GLU A 138 7.24 15.16 -11.23
N LEU A 139 6.91 15.66 -10.04
CA LEU A 139 5.92 16.69 -9.86
C LEU A 139 6.60 17.99 -9.40
N MSE A 140 6.32 19.08 -10.12
CA MSE A 140 6.87 20.40 -9.81
CA MSE A 140 6.88 20.41 -9.87
C MSE A 140 5.79 21.47 -9.77
O MSE A 140 4.69 21.27 -10.27
CB MSE A 140 8.04 20.81 -10.74
CB MSE A 140 7.82 20.79 -11.02
CG MSE A 140 7.98 20.28 -12.17
CG MSE A 140 8.93 19.79 -11.29
SE MSE A 140 8.81 18.53 -12.29
SE MSE A 140 10.13 20.42 -12.69
CE MSE A 140 8.07 17.96 -14.01
CE MSE A 140 8.85 20.48 -14.21
N ASN A 141 6.13 22.61 -9.15
CA ASN A 141 5.20 23.75 -8.96
C ASN A 141 5.32 24.83 -10.06
N ASP A 142 4.61 25.96 -9.87
CA ASP A 142 4.70 27.16 -10.75
C ASP A 142 6.11 27.57 -11.12
N GLN A 143 6.98 27.54 -10.11
CA GLN A 143 8.38 28.00 -10.18
C GLN A 143 9.41 26.95 -10.68
N ASP A 144 8.94 25.83 -11.24
CA ASP A 144 9.78 24.74 -11.77
C ASP A 144 10.68 24.08 -10.67
N GLU A 145 10.16 24.01 -9.44
CA GLU A 145 10.87 23.40 -8.30
C GLU A 145 10.31 22.01 -8.06
N LEU A 146 11.19 21.01 -7.91
CA LEU A 146 10.77 19.62 -7.67
C LEU A 146 10.21 19.48 -6.26
N ILE A 147 8.90 19.21 -6.14
CA ILE A 147 8.23 19.04 -4.82
C ILE A 147 7.94 17.58 -4.45
N ALA A 148 7.79 16.70 -5.45
CA ALA A 148 7.58 15.26 -5.21
C ALA A 148 7.99 14.39 -6.39
N VAL A 149 8.39 13.15 -6.10
CA VAL A 149 8.74 12.14 -7.12
C VAL A 149 7.92 10.90 -6.81
N GLY A 150 7.53 10.18 -7.86
CA GLY A 150 6.71 8.98 -7.70
C GLY A 150 7.12 7.80 -8.57
N SER A 151 6.89 6.60 -8.04
CA SER A 151 7.06 5.33 -8.76
C SER A 151 5.67 4.70 -8.69
N VAL A 152 5.05 4.46 -9.85
CA VAL A 152 3.71 3.91 -9.93
C VAL A 152 3.66 2.71 -10.88
N SER A 153 3.01 1.63 -10.45
CA SER A 153 2.81 0.43 -11.26
C SER A 153 1.32 0.32 -11.61
N TYR A 154 1.03 0.22 -12.91
CA TYR A 154 -0.32 0.00 -13.44
C TYR A 154 -0.41 -1.40 -14.07
N ILE A 155 -1.58 -2.03 -13.91
CA ILE A 155 -1.86 -3.34 -14.53
C ILE A 155 -3.20 -3.32 -15.25
N LEU A 156 -3.35 -4.22 -16.23
CA LEU A 156 -4.60 -4.40 -16.96
C LEU A 156 -5.38 -5.46 -16.16
N VAL A 157 -6.49 -5.05 -15.56
CA VAL A 157 -7.33 -5.94 -14.75
C VAL A 157 -8.28 -6.74 -15.65
N GLU B 10 -12.13 14.83 25.31
CA GLU B 10 -13.43 15.51 25.11
C GLU B 10 -13.27 16.67 24.12
N VAL B 11 -12.46 17.66 24.50
CA VAL B 11 -12.15 18.83 23.65
C VAL B 11 -11.35 18.42 22.39
N LEU B 12 -10.53 17.37 22.50
CA LEU B 12 -9.70 16.85 21.40
C LEU B 12 -10.58 16.26 20.29
N PHE B 13 -11.52 15.38 20.66
CA PHE B 13 -12.48 14.77 19.73
C PHE B 13 -13.37 15.81 19.03
N SER B 14 -13.79 16.84 19.76
CA SER B 14 -14.61 17.93 19.22
C SER B 14 -13.83 18.77 18.21
N ALA B 15 -12.58 19.11 18.55
CA ALA B 15 -11.70 19.90 17.67
C ALA B 15 -11.30 19.15 16.39
N VAL B 16 -10.97 17.86 16.53
CA VAL B 16 -10.60 17.00 15.39
C VAL B 16 -11.77 16.78 14.43
N ASN B 17 -12.98 16.57 14.96
CA ASN B 17 -14.17 16.40 14.11
C ASN B 17 -14.47 17.63 13.24
N GLU B 18 -14.41 18.83 13.84
CA GLU B 18 -14.60 20.11 13.11
C GLU B 18 -13.67 20.21 11.90
N ILE B 19 -12.37 20.01 12.15
CA ILE B 19 -11.33 20.13 11.12
C ILE B 19 -11.48 19.11 9.98
N PHE B 20 -11.73 17.85 10.34
CA PHE B 20 -11.83 16.74 9.37
C PHE B 20 -13.20 16.54 8.69
N GLU B 21 -14.29 16.68 9.44
CA GLU B 21 -15.64 16.46 8.90
C GLU B 21 -16.27 17.70 8.26
N GLU B 22 -16.30 18.81 9.01
CA GLU B 22 -16.95 20.06 8.58
C GLU B 22 -16.14 21.04 7.71
N LYS B 23 -14.85 21.23 8.03
CA LYS B 23 -14.00 22.23 7.35
C LYS B 23 -13.29 21.83 6.03
N ILE B 24 -13.38 20.56 5.62
CA ILE B 24 -12.77 20.10 4.34
C ILE B 24 -13.75 20.34 3.18
N PRO B 25 -13.41 21.21 2.19
CA PRO B 25 -14.34 21.44 1.05
C PRO B 25 -14.55 20.27 0.05
N PHE B 26 -13.74 19.20 0.13
CA PHE B 26 -13.94 17.98 -0.71
C PHE B 26 -15.25 17.23 -0.36
N ASN B 27 -15.79 17.48 0.86
CA ASN B 27 -17.08 16.94 1.37
C ASN B 27 -18.24 16.84 0.38
N LYS B 28 -18.30 17.76 -0.59
CA LYS B 28 -19.34 17.72 -1.64
C LYS B 28 -19.22 16.50 -2.58
N ILE B 29 -18.02 15.92 -2.73
CA ILE B 29 -17.76 14.76 -3.60
C ILE B 29 -17.43 13.44 -2.85
N ILE B 30 -16.71 13.54 -1.73
CA ILE B 30 -16.36 12.39 -0.86
C ILE B 30 -16.63 12.73 0.60
N GLY B 31 -17.57 12.02 1.24
CA GLY B 31 -17.88 12.21 2.66
C GLY B 31 -16.78 11.61 3.53
N LEU B 32 -16.62 12.15 4.74
CA LEU B 32 -15.61 11.68 5.71
C LEU B 32 -16.14 11.82 7.13
N LYS B 33 -16.00 10.76 7.92
CA LYS B 33 -16.43 10.74 9.34
C LYS B 33 -15.36 10.06 10.20
N VAL B 34 -15.03 10.69 11.33
CA VAL B 34 -14.05 10.14 12.27
C VAL B 34 -14.78 9.15 13.17
N ARG B 35 -14.50 7.85 13.00
CA ARG B 35 -15.13 6.78 13.78
C ARG B 35 -14.43 6.49 15.10
N PHE B 36 -13.10 6.55 15.11
CA PHE B 36 -12.29 6.27 16.31
C PHE B 36 -10.98 7.05 16.30
N ILE B 37 -10.55 7.50 17.48
CA ILE B 37 -9.26 8.18 17.68
C ILE B 37 -8.62 7.78 19.02
N SER B 38 -7.30 7.55 18.98
CA SER B 38 -6.49 7.23 20.16
C SER B 38 -5.01 7.50 19.80
N PRO B 39 -4.10 7.58 20.80
CA PRO B 39 -2.67 7.83 20.47
C PRO B 39 -1.99 6.78 19.57
N GLU B 40 -2.46 5.52 19.66
CA GLU B 40 -1.94 4.39 18.90
C GLU B 40 -2.73 4.04 17.63
N GLN B 41 -4.05 4.32 17.61
CA GLN B 41 -4.93 3.92 16.50
C GLN B 41 -6.04 4.92 16.16
N VAL B 42 -6.29 5.13 14.86
CA VAL B 42 -7.37 6.00 14.34
C VAL B 42 -8.16 5.28 13.24
N LYS B 43 -9.44 5.62 13.11
CA LYS B 43 -10.34 5.01 12.10
C LYS B 43 -11.23 6.07 11.45
N LEU B 44 -11.16 6.18 10.12
CA LEU B 44 -12.01 7.07 9.33
C LEU B 44 -12.87 6.24 8.37
N SER B 45 -14.12 6.65 8.17
CA SER B 45 -15.03 6.03 7.21
C SER B 45 -15.28 7.06 6.12
N PHE B 46 -15.28 6.61 4.87
CA PHE B 46 -15.45 7.48 3.71
C PHE B 46 -16.67 7.05 2.90
N GLU B 47 -17.32 8.00 2.24
CA GLU B 47 -18.51 7.75 1.42
C GLU B 47 -18.36 8.44 0.08
N MSE B 48 -18.38 7.65 -1.02
CA MSE B 48 -18.34 8.19 -2.38
C MSE B 48 -19.73 8.71 -2.70
O MSE B 48 -20.66 7.92 -2.92
CB MSE B 48 -17.95 7.11 -3.41
CG MSE B 48 -16.53 6.59 -3.31
SE MSE B 48 -15.20 7.73 -4.17
CE MSE B 48 -15.75 7.55 -6.02
N ARG B 49 -19.89 10.04 -2.68
CA ARG B 49 -21.18 10.68 -3.01
C ARG B 49 -21.50 10.55 -4.51
N ASP B 50 -20.45 10.51 -5.33
CA ASP B 50 -20.53 10.24 -6.77
C ASP B 50 -19.71 8.97 -6.99
N GLU B 51 -20.40 7.86 -7.30
CA GLU B 51 -19.73 6.55 -7.52
C GLU B 51 -18.98 6.38 -8.86
N LEU B 52 -19.14 7.35 -9.77
CA LEU B 52 -18.42 7.42 -11.06
C LEU B 52 -18.73 6.29 -12.06
N ILE B 53 -19.98 5.80 -12.04
CA ILE B 53 -20.41 4.72 -12.97
C ILE B 53 -20.46 5.30 -14.39
N GLY B 54 -19.92 4.54 -15.34
CA GLY B 54 -19.87 4.94 -16.75
C GLY B 54 -18.65 5.74 -17.19
N ASN B 55 -17.80 6.16 -16.24
CA ASN B 55 -16.59 6.92 -16.55
C ASN B 55 -15.53 5.97 -17.16
N ALA B 56 -14.87 6.43 -18.21
CA ALA B 56 -13.84 5.65 -18.94
C ALA B 56 -12.60 5.29 -18.13
N ILE B 57 -12.27 6.07 -17.10
CA ILE B 57 -11.11 5.83 -16.22
C ILE B 57 -11.56 5.75 -14.75
N ARG B 58 -12.65 5.03 -14.52
CA ARG B 58 -13.24 4.85 -13.18
C ARG B 58 -12.25 4.21 -12.22
N ARG B 59 -11.68 3.07 -12.62
CA ARG B 59 -10.67 2.34 -11.80
C ARG B 59 -9.48 3.21 -11.44
N MSE B 60 -9.02 4.00 -12.41
CA MSE B 60 -7.89 4.91 -12.26
C MSE B 60 -8.21 5.99 -11.23
O MSE B 60 -7.41 6.21 -10.32
CB MSE B 60 -7.57 5.53 -13.62
CG MSE B 60 -6.26 6.26 -13.70
SE MSE B 60 -5.98 6.89 -15.51
CE MSE B 60 -5.76 5.20 -16.41
N LEU B 61 -9.37 6.64 -11.38
CA LEU B 61 -9.84 7.69 -10.44
C LEU B 61 -9.98 7.19 -9.00
N TYR B 62 -10.44 5.95 -8.84
CA TYR B 62 -10.52 5.29 -7.51
C TYR B 62 -9.13 5.10 -6.85
N GLY B 63 -8.09 4.93 -7.67
CA GLY B 63 -6.70 4.82 -7.18
C GLY B 63 -6.26 6.05 -6.41
N GLY B 64 -6.53 7.22 -6.99
CA GLY B 64 -6.22 8.52 -6.36
C GLY B 64 -7.04 8.79 -5.11
N VAL B 65 -8.33 8.41 -5.13
CA VAL B 65 -9.23 8.57 -3.97
C VAL B 65 -8.74 7.74 -2.78
N ILE B 66 -8.33 6.49 -3.05
CA ILE B 66 -7.79 5.57 -2.04
C ILE B 66 -6.48 6.08 -1.43
N SER B 67 -5.57 6.60 -2.25
CA SER B 67 -4.29 7.16 -1.78
C SER B 67 -4.51 8.38 -0.86
N SER B 68 -5.44 9.24 -1.24
CA SER B 68 -5.83 10.42 -0.45
C SER B 68 -6.46 10.02 0.88
N ALA B 69 -7.35 9.01 0.84
CA ALA B 69 -8.02 8.48 2.03
C ALA B 69 -6.98 7.93 3.03
N ILE B 70 -6.03 7.15 2.50
CA ILE B 70 -4.91 6.58 3.27
C ILE B 70 -4.04 7.68 3.88
N ASP B 71 -3.65 8.65 3.06
CA ASP B 71 -2.84 9.80 3.49
C ASP B 71 -3.53 10.62 4.59
N MSE B 72 -4.83 10.82 4.46
CA MSE B 72 -5.64 11.55 5.46
C MSE B 72 -5.74 10.80 6.78
O MSE B 72 -5.62 11.42 7.84
CB MSE B 72 -7.05 11.84 4.93
CG MSE B 72 -7.11 12.94 3.92
SE MSE B 72 -6.74 14.65 4.74
CE MSE B 72 -8.32 14.78 5.90
N THR B 73 -5.99 9.50 6.72
CA THR B 73 -6.07 8.64 7.91
C THR B 73 -4.72 8.62 8.65
N ALA B 74 -3.63 8.51 7.88
CA ALA B 74 -2.27 8.53 8.41
C ALA B 74 -1.91 9.89 9.02
N GLY B 75 -2.45 10.97 8.47
CA GLY B 75 -2.25 12.32 9.00
C GLY B 75 -2.93 12.52 10.35
N LEU B 76 -4.13 11.95 10.49
CA LEU B 76 -4.85 11.98 11.77
C LEU B 76 -4.15 11.09 12.81
N ALA B 77 -3.63 9.94 12.37
CA ALA B 77 -2.86 9.03 13.24
C ALA B 77 -1.57 9.71 13.72
N ALA B 78 -0.86 10.36 12.80
CA ALA B 78 0.37 11.13 13.12
C ALA B 78 0.09 12.23 14.15
N PHE B 79 -1.00 12.98 13.95
CA PHE B 79 -1.45 14.03 14.89
C PHE B 79 -1.64 13.47 16.31
N MSE B 80 -2.34 12.33 16.42
CA MSE B 80 -2.59 11.68 17.72
C MSE B 80 -1.30 11.17 18.38
O MSE B 80 -1.22 11.13 19.61
CB MSE B 80 -3.61 10.55 17.58
CG MSE B 80 -5.01 11.02 17.16
SE MSE B 80 -5.88 12.13 18.49
CE MSE B 80 -7.42 12.72 17.49
N GLY B 81 -0.31 10.79 17.58
CA GLY B 81 1.00 10.37 18.06
C GLY B 81 1.82 11.53 18.59
N PHE B 82 1.87 12.63 17.81
CA PHE B 82 2.61 13.85 18.20
C PHE B 82 1.99 14.59 19.39
N GLN B 83 0.65 14.73 19.41
CA GLN B 83 -0.05 15.44 20.51
C GLN B 83 0.09 14.73 21.87
N GLU B 84 0.19 13.39 21.84
CA GLU B 84 0.42 12.55 23.03
C GLU B 84 1.74 12.93 23.72
N LYS B 85 2.77 13.20 22.92
CA LYS B 85 4.09 13.65 23.41
C LYS B 85 4.07 15.09 23.98
N MSE B 86 3.14 15.92 23.52
CA MSE B 86 2.94 17.28 24.04
C MSE B 86 2.10 17.15 25.31
O MSE B 86 0.90 17.48 25.33
CB MSE B 86 2.25 18.16 22.98
CG MSE B 86 3.03 18.31 21.69
SE MSE B 86 2.01 19.25 20.34
CE MSE B 86 1.91 21.00 21.21
N SER B 87 2.74 16.68 26.38
CA SER B 87 2.08 16.36 27.64
C SER B 87 1.46 17.55 28.37
N GLY B 88 2.31 18.47 28.83
CA GLY B 88 1.86 19.67 29.58
C GLY B 88 1.52 20.91 28.77
N LYS B 89 1.34 20.77 27.45
CA LYS B 89 1.01 21.90 26.57
C LYS B 89 -0.50 22.16 26.52
N PRO B 90 -0.94 23.42 26.23
CA PRO B 90 -2.39 23.69 26.15
C PRO B 90 -3.02 23.18 24.84
N MSE B 91 -4.35 23.20 24.78
CA MSE B 91 -5.10 22.74 23.60
C MSE B 91 -4.88 23.60 22.33
O MSE B 91 -5.01 23.09 21.22
CB MSE B 91 -6.61 22.67 23.89
N GLU B 92 -4.52 24.88 22.50
CA GLU B 92 -4.25 25.81 21.38
C GLU B 92 -2.97 25.45 20.62
N GLU B 93 -1.90 25.13 21.37
CA GLU B 93 -0.61 24.73 20.78
C GLU B 93 -0.67 23.35 20.11
N LYS B 94 -1.45 22.42 20.68
CA LYS B 94 -1.69 21.10 20.09
C LYS B 94 -2.43 21.25 18.76
N LEU B 95 -3.50 22.05 18.76
CA LEU B 95 -4.26 22.34 17.52
C LEU B 95 -3.42 23.06 16.46
N ALA B 96 -2.51 23.94 16.89
CA ALA B 96 -1.59 24.64 15.98
C ALA B 96 -0.59 23.68 15.31
N MSE B 97 -0.18 22.62 16.03
CA MSE B 97 0.77 21.60 15.52
C MSE B 97 0.27 20.82 14.29
O MSE B 97 1.07 20.47 13.43
CB MSE B 97 1.19 20.65 16.66
CG MSE B 97 2.03 19.42 16.26
SE MSE B 97 0.98 17.89 15.64
CE MSE B 97 0.10 17.46 17.34
N ILE B 98 -1.05 20.56 14.23
CA ILE B 98 -1.66 19.82 13.11
C ILE B 98 -1.43 20.51 11.74
N GLY B 99 -1.35 21.84 11.75
CA GLY B 99 -1.04 22.63 10.55
C GLY B 99 0.39 22.49 10.04
N ARG B 100 1.31 22.02 10.90
CA ARG B 100 2.70 21.74 10.53
C ARG B 100 2.93 20.32 10.00
N LEU B 101 1.94 19.42 10.17
CA LEU B 101 2.03 18.03 9.66
C LEU B 101 2.07 18.00 8.13
N SER B 102 3.08 17.32 7.59
CA SER B 102 3.29 17.20 6.15
C SER B 102 3.75 15.77 5.82
N THR B 103 3.23 15.20 4.75
CA THR B 103 3.57 13.84 4.32
C THR B 103 4.96 13.85 3.73
N MSE B 104 5.81 12.92 4.18
CA MSE B 104 7.17 12.76 3.66
C MSE B 104 7.25 11.63 2.64
O MSE B 104 7.91 11.77 1.61
CB MSE B 104 8.17 12.46 4.79
CG MSE B 104 9.60 12.35 4.30
SE MSE B 104 10.85 12.17 5.70
CE MSE B 104 12.44 11.96 4.53
N SER B 105 6.61 10.50 2.96
CA SER B 105 6.60 9.31 2.12
C SER B 105 5.23 8.64 2.19
N LEU B 106 4.70 8.25 1.03
CA LEU B 106 3.40 7.55 0.92
C LEU B 106 3.58 6.34 0.01
N HIS B 107 3.45 5.14 0.58
CA HIS B 107 3.59 3.86 -0.13
C HIS B 107 2.26 3.13 0.00
N VAL B 108 1.53 2.95 -1.11
CA VAL B 108 0.25 2.23 -1.12
C VAL B 108 0.30 1.06 -2.11
N GLU B 109 -0.07 -0.13 -1.61
CA GLU B 109 -0.14 -1.37 -2.39
CA GLU B 109 -0.16 -1.37 -2.40
C GLU B 109 -1.64 -1.74 -2.48
N TYR B 110 -2.15 -1.90 -3.71
CA TYR B 110 -3.56 -2.22 -3.98
C TYR B 110 -3.76 -3.72 -4.23
N LEU B 111 -4.66 -4.34 -3.48
CA LEU B 111 -4.94 -5.79 -3.58
C LEU B 111 -6.05 -6.12 -4.58
N ARG B 112 -7.01 -5.21 -4.75
CA ARG B 112 -8.11 -5.37 -5.71
C ARG B 112 -8.70 -3.98 -6.09
N PRO B 113 -9.64 -3.92 -7.07
CA PRO B 113 -10.27 -2.62 -7.39
C PRO B 113 -11.21 -2.10 -6.26
N GLY B 114 -11.33 -0.77 -6.16
CA GLY B 114 -12.18 -0.13 -5.14
C GLY B 114 -13.66 -0.31 -5.44
N LEU B 115 -14.12 0.39 -6.47
CA LEU B 115 -15.50 0.32 -7.02
C LEU B 115 -16.70 0.18 -6.03
N GLY B 116 -16.60 0.85 -4.88
CA GLY B 116 -17.63 0.79 -3.82
C GLY B 116 -18.16 2.14 -3.38
N ARG B 117 -19.36 2.13 -2.80
CA ARG B 117 -20.01 3.35 -2.30
C ARG B 117 -19.31 3.89 -1.05
N GLU B 118 -19.11 3.01 -0.07
CA GLU B 118 -18.47 3.35 1.20
CA GLU B 118 -18.46 3.35 1.21
C GLU B 118 -17.32 2.39 1.53
N PHE B 119 -16.22 2.95 2.03
CA PHE B 119 -15.02 2.21 2.44
C PHE B 119 -14.50 2.81 3.77
N VAL B 120 -13.80 1.98 4.54
CA VAL B 120 -13.26 2.37 5.86
C VAL B 120 -11.74 2.17 5.89
N CYS B 121 -11.03 3.09 6.58
CA CYS B 121 -9.58 3.05 6.68
C CYS B 121 -9.13 3.18 8.13
N THR B 122 -8.31 2.23 8.60
CA THR B 122 -7.77 2.20 9.96
C THR B 122 -6.28 2.53 9.88
N GLY B 123 -5.82 3.46 10.72
CA GLY B 123 -4.42 3.88 10.78
C GLY B 123 -3.82 3.47 12.10
N TYR B 124 -2.75 2.65 12.06
CA TYR B 124 -2.04 2.19 13.26
C TYR B 124 -0.72 2.94 13.34
N ASN B 125 -0.47 3.60 14.47
CA ASN B 125 0.78 4.35 14.68
C ASN B 125 1.84 3.31 15.10
N VAL B 126 2.81 3.06 14.22
CA VAL B 126 3.86 2.04 14.44
C VAL B 126 4.90 2.53 15.45
N ARG B 127 5.51 3.68 15.14
CA ARG B 127 6.51 4.32 15.99
C ARG B 127 6.51 5.82 15.71
N THR B 128 6.48 6.63 16.78
CA THR B 128 6.53 8.08 16.68
C THR B 128 7.84 8.48 17.34
N GLY B 129 8.79 8.94 16.54
CA GLY B 129 10.07 9.44 17.05
C GLY B 129 9.91 10.90 17.43
N ASN B 130 10.99 11.67 17.30
CA ASN B 130 10.96 13.10 17.62
C ASN B 130 10.22 13.87 16.53
N LYS B 131 10.72 13.76 15.30
CA LYS B 131 10.20 14.48 14.12
C LYS B 131 9.39 13.65 13.13
N VAL B 132 9.58 12.32 13.10
CA VAL B 132 8.89 11.42 12.14
C VAL B 132 7.90 10.50 12.83
N ALA B 133 6.72 10.35 12.25
CA ALA B 133 5.65 9.44 12.71
C ALA B 133 5.34 8.47 11.57
N VAL B 134 5.70 7.20 11.75
CA VAL B 134 5.44 6.16 10.74
C VAL B 134 4.09 5.51 11.05
N ILE B 135 3.20 5.50 10.06
CA ILE B 135 1.85 4.91 10.17
C ILE B 135 1.65 3.81 9.12
N ARG B 136 1.08 2.69 9.57
CA ARG B 136 0.68 1.57 8.72
C ARG B 136 -0.86 1.68 8.61
N THR B 137 -1.40 1.67 7.39
CA THR B 137 -2.86 1.75 7.15
C THR B 137 -3.44 0.48 6.49
N GLU B 138 -4.73 0.27 6.71
CA GLU B 138 -5.51 -0.81 6.11
C GLU B 138 -6.84 -0.24 5.65
N LEU B 139 -7.08 -0.26 4.33
CA LEU B 139 -8.31 0.27 3.74
C LEU B 139 -9.17 -0.89 3.22
N MSE B 140 -10.41 -0.97 3.74
CA MSE B 140 -11.38 -1.99 3.33
CA MSE B 140 -11.39 -1.99 3.39
C MSE B 140 -12.69 -1.37 2.86
O MSE B 140 -12.94 -0.20 3.06
CB MSE B 140 -11.59 -3.10 4.40
CB MSE B 140 -11.76 -2.81 4.64
CG MSE B 140 -11.44 -2.69 5.85
CG MSE B 140 -10.59 -3.39 5.40
SE MSE B 140 -9.58 -2.79 6.41
SE MSE B 140 -11.21 -4.56 6.81
CE MSE B 140 -9.80 -2.35 8.32
CE MSE B 140 -12.18 -3.25 7.93
N ASN B 141 -13.52 -2.20 2.21
CA ASN B 141 -14.83 -1.82 1.66
C ASN B 141 -15.98 -2.15 2.63
N ASP B 142 -17.24 -2.04 2.17
CA ASP B 142 -18.45 -2.41 2.94
C ASP B 142 -18.48 -3.86 3.44
N GLN B 143 -17.90 -4.75 2.63
CA GLN B 143 -17.91 -6.20 2.88
C GLN B 143 -16.77 -6.73 3.75
N ASP B 144 -16.02 -5.83 4.43
CA ASP B 144 -14.87 -6.17 5.29
C ASP B 144 -13.72 -6.85 4.52
N GLU B 145 -13.54 -6.46 3.25
CA GLU B 145 -12.49 -7.00 2.38
C GLU B 145 -11.35 -6.00 2.24
N LEU B 146 -10.13 -6.42 2.54
CA LEU B 146 -8.95 -5.57 2.42
C LEU B 146 -8.70 -5.27 0.94
N ILE B 147 -8.83 -4.01 0.54
CA ILE B 147 -8.58 -3.58 -0.85
C ILE B 147 -7.22 -2.91 -1.07
N ALA B 148 -6.68 -2.25 -0.03
CA ALA B 148 -5.36 -1.62 -0.10
C ALA B 148 -4.72 -1.47 1.28
N VAL B 149 -3.37 -1.51 1.32
CA VAL B 149 -2.57 -1.32 2.55
C VAL B 149 -1.57 -0.19 2.29
N GLY B 150 -1.18 0.52 3.34
CA GLY B 150 -0.26 1.66 3.18
C GLY B 150 0.74 1.87 4.29
N SER B 151 1.90 2.40 3.93
CA SER B 151 2.96 2.82 4.86
C SER B 151 3.14 4.31 4.58
N VAL B 152 2.91 5.15 5.59
CA VAL B 152 2.98 6.61 5.43
C VAL B 152 3.86 7.24 6.53
N SER B 153 4.72 8.17 6.13
CA SER B 153 5.59 8.92 7.04
C SER B 153 5.16 10.39 7.07
N TYR B 154 4.90 10.90 8.26
CA TYR B 154 4.53 12.30 8.50
C TYR B 154 5.59 13.00 9.33
N ILE B 155 5.90 14.25 8.96
CA ILE B 155 6.86 15.10 9.68
C ILE B 155 6.27 16.47 9.99
N LEU B 156 6.90 17.16 10.94
CA LEU B 156 6.51 18.52 11.33
C LEU B 156 7.46 19.47 10.61
N VAL B 157 6.90 20.33 9.75
CA VAL B 157 7.66 21.30 8.95
C VAL B 157 7.62 22.69 9.62
N LYS C 7 -4.83 -28.34 27.72
CA LYS C 7 -5.51 -28.98 26.56
C LYS C 7 -5.42 -28.10 25.32
N ASN C 8 -5.92 -26.87 25.43
CA ASN C 8 -5.92 -25.88 24.32
C ASN C 8 -4.52 -25.41 23.89
N GLU C 9 -3.59 -25.37 24.85
CA GLU C 9 -2.19 -25.04 24.58
C GLU C 9 -1.49 -26.21 23.86
N GLU C 10 -1.72 -27.42 24.36
CA GLU C 10 -1.13 -28.65 23.81
C GLU C 10 -1.71 -29.04 22.44
N VAL C 11 -3.04 -28.95 22.28
CA VAL C 11 -3.71 -29.29 21.02
C VAL C 11 -3.34 -28.36 19.84
N LEU C 12 -2.93 -27.12 20.16
CA LEU C 12 -2.48 -26.14 19.15
C LEU C 12 -1.15 -26.62 18.54
N PHE C 13 -0.19 -26.93 19.41
CA PHE C 13 1.14 -27.44 19.04
C PHE C 13 1.01 -28.72 18.20
N SER C 14 0.18 -29.66 18.67
CA SER C 14 -0.06 -30.93 17.97
C SER C 14 -0.73 -30.74 16.59
N ALA C 15 -1.77 -29.90 16.55
CA ALA C 15 -2.49 -29.60 15.29
C ALA C 15 -1.61 -28.91 14.26
N VAL C 16 -0.80 -27.94 14.72
CA VAL C 16 0.14 -27.21 13.86
C VAL C 16 1.25 -28.13 13.33
N ASN C 17 1.81 -28.97 14.19
CA ASN C 17 2.87 -29.92 13.78
C ASN C 17 2.42 -30.91 12.71
N GLU C 18 1.21 -31.48 12.85
CA GLU C 18 0.66 -32.42 11.86
C GLU C 18 0.53 -31.78 10.46
N ILE C 19 0.04 -30.54 10.41
CA ILE C 19 -0.13 -29.78 9.17
C ILE C 19 1.20 -29.47 8.48
N PHE C 20 2.15 -28.91 9.23
CA PHE C 20 3.48 -28.54 8.71
C PHE C 20 4.47 -29.70 8.49
N GLU C 21 4.56 -30.64 9.44
CA GLU C 21 5.55 -31.74 9.36
C GLU C 21 5.10 -32.96 8.55
N GLU C 22 4.00 -33.59 8.98
CA GLU C 22 3.49 -34.82 8.35
C GLU C 22 2.61 -34.62 7.11
N LYS C 23 1.78 -33.56 7.11
CA LYS C 23 0.83 -33.31 6.01
C LYS C 23 1.46 -32.89 4.67
N ILE C 24 2.50 -32.04 4.72
CA ILE C 24 3.19 -31.52 3.50
C ILE C 24 3.74 -32.66 2.61
N PRO C 25 3.42 -32.65 1.29
CA PRO C 25 3.88 -33.73 0.39
C PRO C 25 5.32 -33.60 -0.11
N PHE C 26 5.89 -32.38 -0.05
CA PHE C 26 7.31 -32.14 -0.38
C PHE C 26 8.32 -32.77 0.62
N ASN C 27 7.82 -33.31 1.75
CA ASN C 27 8.58 -34.04 2.79
C ASN C 27 9.68 -35.01 2.29
N LYS C 28 9.43 -35.66 1.16
CA LYS C 28 10.43 -36.54 0.51
C LYS C 28 11.62 -35.72 -0.03
N ILE C 29 11.34 -34.52 -0.55
CA ILE C 29 12.37 -33.60 -1.08
C ILE C 29 13.05 -32.80 0.04
N ILE C 30 12.25 -32.06 0.81
CA ILE C 30 12.72 -31.19 1.91
C ILE C 30 11.97 -31.50 3.22
N GLY C 31 12.72 -31.85 4.27
CA GLY C 31 12.16 -32.11 5.60
C GLY C 31 11.87 -30.80 6.31
N LEU C 32 10.91 -30.83 7.24
CA LEU C 32 10.49 -29.65 8.01
C LEU C 32 9.99 -30.06 9.39
N LYS C 33 10.57 -29.46 10.45
CA LYS C 33 10.19 -29.72 11.86
C LYS C 33 9.97 -28.39 12.60
N VAL C 34 8.87 -28.28 13.33
CA VAL C 34 8.53 -27.10 14.13
C VAL C 34 9.26 -27.23 15.47
N ARG C 35 10.23 -26.36 15.72
CA ARG C 35 11.04 -26.39 16.95
C ARG C 35 10.43 -25.59 18.11
N PHE C 36 9.90 -24.40 17.80
CA PHE C 36 9.32 -23.50 18.80
C PHE C 36 8.19 -22.67 18.21
N ILE C 37 7.14 -22.42 19.00
CA ILE C 37 6.01 -21.54 18.61
C ILE C 37 5.54 -20.68 19.79
N SER C 38 5.11 -19.47 19.47
CA SER C 38 4.55 -18.51 20.43
C SER C 38 3.85 -17.38 19.64
N PRO C 39 3.00 -16.55 20.29
CA PRO C 39 2.31 -15.47 19.55
C PRO C 39 3.21 -14.42 18.87
N GLU C 40 4.41 -14.21 19.41
CA GLU C 40 5.38 -13.23 18.89
C GLU C 40 6.55 -13.82 18.10
N GLN C 41 6.93 -15.09 18.39
CA GLN C 41 8.08 -15.76 17.74
C GLN C 41 7.81 -17.24 17.38
N VAL C 42 8.41 -17.70 16.28
CA VAL C 42 8.36 -19.10 15.81
C VAL C 42 9.71 -19.52 15.21
N LYS C 43 10.01 -20.82 15.23
CA LYS C 43 11.28 -21.37 14.70
C LYS C 43 11.06 -22.72 14.01
N LEU C 44 11.49 -22.82 12.74
CA LEU C 44 11.41 -24.05 11.94
C LEU C 44 12.82 -24.47 11.51
N SER C 45 13.09 -25.78 11.60
CA SER C 45 14.35 -26.38 11.16
C SER C 45 14.06 -27.17 9.88
N PHE C 46 14.99 -27.14 8.94
CA PHE C 46 14.85 -27.80 7.64
C PHE C 46 16.01 -28.74 7.37
N GLU C 47 15.79 -29.67 6.45
CA GLU C 47 16.78 -30.67 6.05
C GLU C 47 16.62 -30.99 4.56
N MSE C 48 17.71 -30.84 3.79
CA MSE C 48 17.73 -31.19 2.36
C MSE C 48 17.90 -32.71 2.26
O MSE C 48 18.99 -33.21 2.55
CB MSE C 48 18.89 -30.50 1.63
CG MSE C 48 18.76 -29.00 1.51
SE MSE C 48 17.48 -28.44 0.13
CE MSE C 48 18.35 -29.13 -1.47
N ARG C 49 16.84 -33.42 1.87
CA ARG C 49 16.90 -34.89 1.68
C ARG C 49 17.78 -35.25 0.48
N ASP C 50 17.69 -34.45 -0.59
CA ASP C 50 18.52 -34.57 -1.79
C ASP C 50 19.50 -33.38 -1.75
N GLU C 51 20.80 -33.68 -1.78
CA GLU C 51 21.86 -32.66 -1.74
C GLU C 51 21.94 -31.78 -3.02
N LEU C 52 21.48 -32.33 -4.15
CA LEU C 52 21.57 -31.70 -5.49
C LEU C 52 23.03 -31.58 -5.97
N ILE C 53 23.90 -32.48 -5.49
CA ILE C 53 25.32 -32.50 -5.82
C ILE C 53 25.50 -32.98 -7.25
N GLY C 54 25.91 -32.05 -8.14
CA GLY C 54 26.12 -32.33 -9.56
C GLY C 54 25.26 -31.49 -10.50
N ASN C 55 24.23 -30.83 -9.96
CA ASN C 55 23.32 -29.99 -10.74
C ASN C 55 24.01 -28.67 -11.09
N ALA C 56 23.94 -28.29 -12.37
CA ALA C 56 24.58 -27.06 -12.86
C ALA C 56 23.98 -25.75 -12.31
N ILE C 57 22.71 -25.77 -11.90
CA ILE C 57 22.01 -24.58 -11.35
C ILE C 57 21.62 -24.85 -9.88
N ARG C 58 22.62 -25.30 -9.10
CA ARG C 58 22.44 -25.68 -7.70
C ARG C 58 22.08 -24.45 -6.84
N ARG C 59 22.92 -23.41 -6.92
CA ARG C 59 22.73 -22.14 -6.18
C ARG C 59 21.37 -21.47 -6.48
N MSE C 60 20.95 -21.58 -7.73
CA MSE C 60 19.68 -21.07 -8.25
C MSE C 60 18.49 -21.82 -7.63
O MSE C 60 17.51 -21.20 -7.24
CB MSE C 60 19.69 -21.21 -9.76
CG MSE C 60 18.66 -20.45 -10.51
SE MSE C 60 19.03 -20.57 -12.40
CE MSE C 60 20.68 -19.56 -12.51
N LEU C 61 18.58 -23.15 -7.54
CA LEU C 61 17.55 -23.97 -6.87
C LEU C 61 17.47 -23.66 -5.37
N TYR C 62 18.63 -23.47 -4.72
CA TYR C 62 18.68 -23.10 -3.28
C TYR C 62 17.99 -21.76 -2.97
N GLY C 63 18.07 -20.80 -3.89
CA GLY C 63 17.38 -19.51 -3.74
C GLY C 63 15.87 -19.66 -3.60
N GLY C 64 15.29 -20.58 -4.38
CA GLY C 64 13.87 -20.92 -4.31
C GLY C 64 13.50 -21.65 -3.02
N VAL C 65 14.38 -22.56 -2.59
CA VAL C 65 14.20 -23.32 -1.33
C VAL C 65 14.20 -22.37 -0.12
N ILE C 66 15.16 -21.45 -0.11
CA ILE C 66 15.29 -20.42 0.95
C ILE C 66 14.05 -19.52 1.00
N SER C 67 13.58 -19.04 -0.15
CA SER C 67 12.37 -18.18 -0.20
C SER C 67 11.12 -18.92 0.29
N SER C 68 11.00 -20.21 -0.07
CA SER C 68 9.88 -21.06 0.38
C SER C 68 9.93 -21.29 1.89
N ALA C 69 11.12 -21.56 2.42
CA ALA C 69 11.35 -21.76 3.87
C ALA C 69 10.97 -20.50 4.65
N ILE C 70 11.41 -19.34 4.15
CA ILE C 70 11.07 -18.04 4.73
C ILE C 70 9.55 -17.79 4.72
N ASP C 71 8.90 -18.08 3.59
CA ASP C 71 7.46 -17.90 3.44
C ASP C 71 6.66 -18.83 4.36
N MSE C 72 7.09 -20.08 4.48
CA MSE C 72 6.48 -21.07 5.39
C MSE C 72 6.60 -20.67 6.86
O MSE C 72 5.62 -20.74 7.59
CB MSE C 72 7.09 -22.47 5.20
CG MSE C 72 6.66 -23.15 3.93
SE MSE C 72 4.79 -23.65 3.96
CE MSE C 72 4.85 -24.96 5.39
N THR C 73 7.81 -20.29 7.27
CA THR C 73 8.05 -19.82 8.65
C THR C 73 7.20 -18.58 8.97
N ALA C 74 7.14 -17.64 8.03
CA ALA C 74 6.33 -16.42 8.16
C ALA C 74 4.83 -16.76 8.26
N GLY C 75 4.39 -17.74 7.47
CA GLY C 75 3.00 -18.22 7.49
C GLY C 75 2.60 -18.81 8.83
N LEU C 76 3.52 -19.54 9.46
CA LEU C 76 3.32 -20.07 10.83
C LEU C 76 3.30 -18.92 11.83
N ALA C 77 4.19 -17.94 11.67
CA ALA C 77 4.25 -16.74 12.54
C ALA C 77 2.99 -15.90 12.41
N ALA C 78 2.49 -15.75 11.19
CA ALA C 78 1.23 -15.04 10.90
C ALA C 78 0.06 -15.72 11.61
N PHE C 79 -0.01 -17.06 11.49
CA PHE C 79 -1.04 -17.88 12.16
C PHE C 79 -1.08 -17.64 13.68
N MSE C 80 0.09 -17.64 14.32
CA MSE C 80 0.21 -17.42 15.78
C MSE C 80 -0.24 -16.02 16.21
O MSE C 80 -0.81 -15.86 17.29
CB MSE C 80 1.63 -17.71 16.28
CG MSE C 80 2.08 -19.17 16.08
SE MSE C 80 1.05 -20.46 17.08
CE MSE C 80 1.49 -22.04 16.06
N GLY C 81 0.03 -15.02 15.37
CA GLY C 81 -0.39 -13.64 15.61
C GLY C 81 -1.90 -13.48 15.51
N PHE C 82 -2.50 -14.05 14.46
CA PHE C 82 -3.96 -13.98 14.26
C PHE C 82 -4.77 -14.78 15.28
N GLN C 83 -4.34 -16.00 15.62
CA GLN C 83 -5.05 -16.84 16.62
C GLN C 83 -5.00 -16.27 18.05
N GLU C 84 -4.01 -15.43 18.35
CA GLU C 84 -3.89 -14.72 19.64
C GLU C 84 -5.07 -13.74 19.79
N LYS C 85 -5.43 -13.06 18.70
CA LYS C 85 -6.58 -12.12 18.67
C LYS C 85 -7.96 -12.82 18.76
N MSE C 86 -8.02 -14.12 18.46
CA MSE C 86 -9.24 -14.93 18.55
C MSE C 86 -9.33 -15.57 19.94
O MSE C 86 -9.32 -16.80 20.09
CB MSE C 86 -9.23 -16.01 17.46
CG MSE C 86 -9.10 -15.49 16.03
SE MSE C 86 -8.84 -16.95 14.76
CE MSE C 86 -10.54 -17.87 15.01
N SER C 87 -9.44 -14.72 20.97
CA SER C 87 -9.44 -15.16 22.39
C SER C 87 -10.64 -16.02 22.80
N GLY C 88 -11.84 -15.55 22.47
CA GLY C 88 -13.09 -16.24 22.81
C GLY C 88 -13.55 -17.37 21.88
N LYS C 89 -12.86 -17.57 20.75
CA LYS C 89 -13.23 -18.59 19.75
C LYS C 89 -12.71 -19.99 20.12
N PRO C 90 -13.34 -21.08 19.58
CA PRO C 90 -12.84 -22.44 19.85
C PRO C 90 -11.73 -22.85 18.86
N MSE C 91 -11.08 -24.00 19.14
CA MSE C 91 -9.99 -24.50 18.29
CA MSE C 91 -9.99 -24.50 18.29
C MSE C 91 -10.36 -24.89 16.85
O MSE C 91 -9.51 -24.88 15.96
CB MSE C 91 -9.19 -25.65 18.97
CB MSE C 91 -9.22 -25.67 18.97
CG MSE C 91 -7.95 -25.16 19.75
CG MSE C 91 -8.07 -25.20 19.85
SE MSE C 91 -8.25 -23.76 21.07
SE MSE C 91 -6.52 -24.65 18.77
CE MSE C 91 -6.42 -23.15 21.27
CE MSE C 91 -5.96 -26.41 18.14
N GLU C 92 -11.64 -25.23 16.63
CA GLU C 92 -12.11 -25.58 15.27
C GLU C 92 -12.05 -24.37 14.33
N GLU C 93 -12.39 -23.18 14.85
CA GLU C 93 -12.34 -21.92 14.10
C GLU C 93 -10.89 -21.43 13.88
N LYS C 94 -10.03 -21.63 14.88
CA LYS C 94 -8.60 -21.27 14.77
C LYS C 94 -7.91 -22.08 13.67
N LEU C 95 -8.12 -23.39 13.67
CA LEU C 95 -7.58 -24.28 12.61
C LEU C 95 -8.17 -24.00 11.23
N ALA C 96 -9.44 -23.61 11.16
CA ALA C 96 -10.10 -23.22 9.90
C ALA C 96 -9.49 -21.92 9.33
N MSE C 97 -9.05 -21.02 10.22
CA MSE C 97 -8.42 -19.75 9.83
C MSE C 97 -7.08 -19.91 9.10
O MSE C 97 -6.76 -19.10 8.23
CB MSE C 97 -8.30 -18.79 11.06
CG MSE C 97 -7.50 -17.51 10.85
SE MSE C 97 -5.55 -17.73 11.04
CE MSE C 97 -5.47 -18.15 12.94
N ILE C 98 -6.30 -20.95 9.44
CA ILE C 98 -4.99 -21.22 8.80
C ILE C 98 -5.11 -21.42 7.27
N GLY C 99 -6.26 -21.93 6.82
CA GLY C 99 -6.58 -22.05 5.40
C GLY C 99 -6.75 -20.72 4.68
N ARG C 100 -7.13 -19.67 5.42
CA ARG C 100 -7.29 -18.31 4.86
C ARG C 100 -6.01 -17.52 4.67
N LEU C 101 -4.90 -17.98 5.28
CA LEU C 101 -3.60 -17.27 5.19
C LEU C 101 -3.00 -17.36 3.78
N SER C 102 -2.68 -16.18 3.23
CA SER C 102 -2.09 -16.02 1.89
C SER C 102 -1.02 -14.94 1.96
N THR C 103 0.10 -15.15 1.25
CA THR C 103 1.20 -14.18 1.22
C THR C 103 0.82 -13.03 0.32
N MSE C 104 1.03 -11.80 0.79
CA MSE C 104 0.80 -10.58 0.01
C MSE C 104 2.11 -10.04 -0.58
O MSE C 104 2.14 -9.61 -1.73
CB MSE C 104 0.16 -9.49 0.88
CG MSE C 104 -0.05 -8.21 0.14
SE MSE C 104 -0.94 -6.91 1.12
CE MSE C 104 -0.84 -5.55 -0.22
N SER C 105 3.17 -10.04 0.24
CA SER C 105 4.48 -9.53 -0.16
C SER C 105 5.60 -10.34 0.50
N LEU C 106 6.58 -10.76 -0.31
CA LEU C 106 7.74 -11.55 0.13
C LEU C 106 9.01 -10.84 -0.34
N HIS C 107 9.79 -10.31 0.60
CA HIS C 107 11.06 -9.62 0.32
C HIS C 107 12.16 -10.41 0.99
N VAL C 108 13.07 -11.01 0.21
CA VAL C 108 14.19 -11.79 0.74
C VAL C 108 15.53 -11.22 0.26
N GLU C 109 16.49 -11.07 1.18
CA GLU C 109 17.85 -10.58 0.91
C GLU C 109 18.81 -11.70 1.26
N TYR C 110 19.67 -12.08 0.31
CA TYR C 110 20.62 -13.19 0.47
C TYR C 110 22.04 -12.68 0.75
N LEU C 111 22.68 -13.20 1.79
CA LEU C 111 24.03 -12.77 2.20
C LEU C 111 25.15 -13.60 1.61
N ARG C 112 25.16 -14.89 1.93
CA ARG C 112 26.19 -15.84 1.49
C ARG C 112 25.53 -17.17 1.10
N PRO C 113 25.99 -17.83 0.00
CA PRO C 113 25.34 -19.11 -0.33
C PRO C 113 25.71 -20.18 0.72
N GLY C 114 24.71 -20.56 1.53
CA GLY C 114 24.86 -21.56 2.60
C GLY C 114 24.18 -22.84 2.18
N LEU C 115 24.65 -23.41 1.07
CA LEU C 115 24.12 -24.67 0.52
C LEU C 115 24.54 -25.86 1.40
N GLY C 116 23.88 -25.99 2.55
CA GLY C 116 24.14 -27.04 3.53
C GLY C 116 22.97 -28.01 3.61
N ARG C 117 23.19 -29.13 4.31
CA ARG C 117 22.18 -30.16 4.49
C ARG C 117 21.05 -29.61 5.35
N GLU C 118 21.39 -29.14 6.54
CA GLU C 118 20.44 -28.59 7.51
C GLU C 118 20.59 -27.08 7.70
N PHE C 119 19.45 -26.41 7.86
CA PHE C 119 19.37 -24.96 8.10
C PHE C 119 18.10 -24.64 8.91
N VAL C 120 18.14 -23.55 9.68
CA VAL C 120 17.02 -23.12 10.55
C VAL C 120 16.57 -21.71 10.20
N CYS C 121 15.26 -21.47 10.34
CA CYS C 121 14.64 -20.18 10.07
C CYS C 121 13.77 -19.74 11.25
N THR C 122 14.03 -18.55 11.77
CA THR C 122 13.27 -17.96 12.88
C THR C 122 12.42 -16.81 12.34
N GLY C 123 11.16 -16.74 12.78
CA GLY C 123 10.19 -15.72 12.35
C GLY C 123 9.67 -14.89 13.51
N TYR C 124 9.81 -13.56 13.41
CA TYR C 124 9.40 -12.61 14.45
C TYR C 124 8.19 -11.82 13.97
N ASN C 125 7.09 -11.86 14.73
CA ASN C 125 5.87 -11.15 14.37
C ASN C 125 6.03 -9.67 14.75
N VAL C 126 6.37 -8.84 13.76
CA VAL C 126 6.62 -7.40 13.96
C VAL C 126 5.35 -6.65 14.40
N ARG C 127 4.25 -6.86 13.69
CA ARG C 127 2.96 -6.25 14.00
C ARG C 127 1.81 -6.95 13.26
N THR C 128 0.75 -7.30 14.00
CA THR C 128 -0.45 -7.92 13.45
C THR C 128 -1.58 -6.89 13.57
N GLY C 129 -2.06 -6.39 12.43
CA GLY C 129 -3.19 -5.46 12.38
C GLY C 129 -4.49 -6.27 12.33
N ASN C 130 -5.56 -5.65 11.87
CA ASN C 130 -6.86 -6.31 11.74
C ASN C 130 -6.82 -7.40 10.65
N LYS C 131 -6.24 -7.05 9.50
CA LYS C 131 -6.13 -7.95 8.33
C LYS C 131 -4.72 -8.34 7.90
N VAL C 132 -3.69 -7.53 8.21
CA VAL C 132 -2.32 -7.78 7.76
C VAL C 132 -1.38 -8.15 8.91
N ALA C 133 -0.53 -9.15 8.69
CA ALA C 133 0.47 -9.60 9.67
C ALA C 133 1.84 -9.46 9.01
N VAL C 134 2.71 -8.62 9.58
CA VAL C 134 4.06 -8.38 9.06
C VAL C 134 5.06 -9.16 9.90
N ILE C 135 5.79 -10.06 9.26
CA ILE C 135 6.78 -10.92 9.91
C ILE C 135 8.18 -10.65 9.36
N ARG C 136 9.16 -10.62 10.27
CA ARG C 136 10.58 -10.48 9.94
C ARG C 136 11.19 -11.88 10.16
N THR C 137 11.95 -12.37 9.18
CA THR C 137 12.59 -13.69 9.28
C THR C 137 14.12 -13.64 9.20
N GLU C 138 14.77 -14.61 9.85
CA GLU C 138 16.24 -14.79 9.80
C GLU C 138 16.48 -16.26 9.51
N LEU C 139 17.24 -16.56 8.44
CA LEU C 139 17.56 -17.94 8.05
C LEU C 139 19.07 -18.17 8.21
N MSE C 140 19.44 -19.20 8.98
CA MSE C 140 20.84 -19.56 9.21
CA MSE C 140 20.83 -19.58 9.29
C MSE C 140 21.13 -21.04 8.93
O MSE C 140 20.23 -21.86 8.93
CB MSE C 140 21.36 -19.13 10.61
CB MSE C 140 21.10 -19.39 10.78
CG MSE C 140 20.36 -19.12 11.74
CG MSE C 140 20.80 -18.02 11.33
SE MSE C 140 19.38 -17.43 11.87
SE MSE C 140 21.37 -17.87 13.16
CE MSE C 140 18.04 -17.94 13.19
CE MSE C 140 20.21 -19.20 14.00
N ASN C 141 22.41 -21.33 8.71
CA ASN C 141 22.91 -22.70 8.37
C ASN C 141 23.36 -23.49 9.61
N ASP C 142 23.92 -24.69 9.39
CA ASP C 142 24.50 -25.58 10.44
C ASP C 142 25.40 -24.85 11.45
N GLN C 143 26.28 -24.00 10.92
CA GLN C 143 27.28 -23.25 11.70
C GLN C 143 26.80 -21.89 12.27
N ASP C 144 25.47 -21.72 12.41
CA ASP C 144 24.84 -20.50 12.98
C ASP C 144 25.06 -19.19 12.18
N GLU C 145 25.59 -19.28 10.96
CA GLU C 145 25.89 -18.10 10.12
C GLU C 145 24.63 -17.63 9.42
N LEU C 146 24.33 -16.33 9.48
CA LEU C 146 23.15 -15.75 8.83
C LEU C 146 23.37 -15.78 7.32
N ILE C 147 22.49 -16.49 6.60
CA ILE C 147 22.57 -16.61 5.12
C ILE C 147 21.48 -15.82 4.36
N ALA C 148 20.34 -15.54 5.01
CA ALA C 148 19.29 -14.71 4.42
C ALA C 148 18.37 -14.11 5.48
N VAL C 149 17.80 -12.94 5.15
CA VAL C 149 16.81 -12.24 5.97
C VAL C 149 15.58 -12.00 5.10
N GLY C 150 14.41 -11.92 5.72
CA GLY C 150 13.17 -11.68 4.98
C GLY C 150 12.11 -10.88 5.67
N SER C 151 11.34 -10.12 4.87
CA SER C 151 10.18 -9.36 5.32
C SER C 151 9.02 -9.97 4.54
N VAL C 152 8.05 -10.53 5.25
CA VAL C 152 6.90 -11.18 4.64
C VAL C 152 5.59 -10.61 5.23
N SER C 153 4.64 -10.28 4.34
CA SER C 153 3.31 -9.79 4.72
C SER C 153 2.27 -10.85 4.35
N TYR C 154 1.47 -11.24 5.35
CA TYR C 154 0.38 -12.21 5.21
C TYR C 154 -0.96 -11.54 5.48
N ILE C 155 -1.99 -11.97 4.74
CA ILE C 155 -3.38 -11.51 4.89
C ILE C 155 -4.35 -12.70 5.00
N LEU C 156 -5.49 -12.47 5.66
CA LEU C 156 -6.57 -13.46 5.74
C LEU C 156 -7.47 -13.22 4.53
N VAL C 157 -7.42 -14.14 3.55
CA VAL C 157 -8.19 -14.03 2.30
C VAL C 157 -9.67 -14.39 2.54
#